data_8Z2G
#
_entry.id   8Z2G
#
_cell.length_a   83.025
_cell.length_b   83.025
_cell.length_c   64.501
_cell.angle_alpha   90.000
_cell.angle_beta   90.000
_cell.angle_gamma   120.000
#
_symmetry.space_group_name_H-M   'P 3'
#
loop_
_entity.id
_entity.type
_entity.pdbx_description
1 polymer 'Alpha/beta hydrolase family protein'
2 non-polymer 'AMMONIUM ION'
3 non-polymer 2-[BIS-(2-HYDROXY-ETHYL)-AMINO]-2-HYDROXYMETHYL-PROPANE-1,3-DIOL
4 non-polymer '4-(2-hydroxyethyloxycarbonyl)benzoic acid'
5 non-polymer GLYCEROL
6 water water
#
_entity_poly.entity_id   1
_entity_poly.type   'polypeptide(L)'
_entity_poly.pdbx_seq_one_letter_code
;GPNPYERGPDPTEDSIEAIRGPFSVATERVSSFASGFGGGTIYYPRETDEGTFGAVAVAPGFTASQGSMSWYGERVASHG
FIVFTIDTNTRLDAPGQRGRQLLAALDYLVERSDRKVRERLDPNRLAVMGHAMGGGGSLEATVMRPSLKASIPLTPWHLD
KTWGQVQVPTFIIGAELDTIAPVSTHAKPFYESLPSSLPKAYMELCGATHFAPNIPNTTIAKYVISWLKRFVDEDTRYSQ
FLCPNPTDRAICEYRSTCPYKLN
;
_entity_poly.pdbx_strand_id   A,B
#
loop_
_chem_comp.id
_chem_comp.type
_chem_comp.name
_chem_comp.formula
BTB non-polymer 2-[BIS-(2-HYDROXY-ETHYL)-AMINO]-2-HYDROXYMETHYL-PROPANE-1,3-DIOL 'C8 H19 N O5'
C9C non-polymer '4-(2-hydroxyethyloxycarbonyl)benzoic acid' 'C10 H10 O5'
GOL non-polymer GLYCEROL 'C3 H8 O3'
NH4 non-polymer 'AMMONIUM ION' 'H4 N 1'
#
# COMPACT_ATOMS: atom_id res chain seq x y z
N PRO A 2 0.67 6.10 26.18
CA PRO A 2 0.82 7.53 25.85
C PRO A 2 1.54 7.73 24.51
N ASN A 3 0.91 8.48 23.62
CA ASN A 3 1.49 8.77 22.32
C ASN A 3 2.60 9.80 22.47
N PRO A 4 3.84 9.50 22.09
CA PRO A 4 4.92 10.50 22.21
C PRO A 4 4.78 11.67 21.26
N TYR A 5 3.82 11.64 20.32
CA TYR A 5 3.65 12.69 19.33
C TYR A 5 2.41 13.55 19.57
N GLU A 6 1.60 13.24 20.57
CA GLU A 6 0.37 13.99 20.81
C GLU A 6 0.71 15.38 21.35
N ARG A 7 0.13 16.41 20.72
CA ARG A 7 0.35 17.79 21.12
C ARG A 7 -1.01 18.47 21.27
N GLY A 8 -1.08 19.40 22.22
CA GLY A 8 -2.29 20.17 22.44
C GLY A 8 -3.32 19.41 23.26
N PRO A 9 -4.33 20.14 23.76
CA PRO A 9 -5.36 19.50 24.57
C PRO A 9 -6.23 18.55 23.77
N ASP A 10 -7.15 17.87 24.45
CA ASP A 10 -8.05 16.96 23.76
C ASP A 10 -8.97 17.75 22.83
N PRO A 11 -9.05 17.38 21.56
CA PRO A 11 -9.79 18.20 20.60
C PRO A 11 -11.29 17.97 20.64
N THR A 12 -12.02 19.00 20.23
CA THR A 12 -13.44 18.93 19.94
C THR A 12 -13.67 19.38 18.50
N GLU A 13 -14.90 19.24 18.03
CA GLU A 13 -15.23 19.76 16.70
C GLU A 13 -15.10 21.27 16.66
N ASP A 14 -15.31 21.94 17.81
CA ASP A 14 -15.12 23.38 17.88
C ASP A 14 -13.65 23.75 17.77
N SER A 15 -12.76 22.92 18.35
CA SER A 15 -11.34 23.24 18.34
C SER A 15 -10.74 23.09 16.95
N ILE A 16 -11.16 22.06 16.22
CA ILE A 16 -10.63 21.86 14.87
C ILE A 16 -11.23 22.86 13.89
N GLU A 17 -12.39 23.44 14.22
CA GLU A 17 -12.99 24.47 13.39
C GLU A 17 -12.49 25.86 13.72
N ALA A 18 -11.87 26.05 14.89
CA ALA A 18 -11.43 27.38 15.30
C ALA A 18 -10.34 27.90 14.36
N ILE A 19 -10.37 29.20 14.11
CA ILE A 19 -9.40 29.82 13.22
C ILE A 19 -8.00 29.77 13.83
N ARG A 20 -7.90 29.87 15.15
CA ARG A 20 -6.63 29.83 15.84
C ARG A 20 -6.58 28.63 16.77
N GLY A 21 -5.49 27.87 16.71
CA GLY A 21 -5.28 26.75 17.58
C GLY A 21 -4.68 27.18 18.90
N PRO A 22 -4.25 26.21 19.71
CA PRO A 22 -3.70 26.54 21.03
C PRO A 22 -2.25 27.03 21.01
N PHE A 23 -1.54 26.87 19.91
CA PHE A 23 -0.12 27.19 19.84
C PHE A 23 0.08 28.56 19.21
N SER A 24 0.91 29.39 19.84
CA SER A 24 1.32 30.65 19.23
C SER A 24 2.33 30.37 18.13
N VAL A 25 2.24 31.13 17.04
CA VAL A 25 2.97 30.84 15.82
C VAL A 25 3.97 31.95 15.53
N ALA A 26 5.18 31.56 15.12
CA ALA A 26 6.18 32.45 14.58
C ALA A 26 6.46 32.05 13.14
N THR A 27 6.97 33.01 12.35
CA THR A 27 7.18 32.78 10.94
C THR A 27 8.62 33.12 10.56
N GLU A 28 9.06 32.56 9.45
CA GLU A 28 10.39 32.83 8.91
C GLU A 28 10.32 32.78 7.39
N ARG A 29 11.04 33.69 6.75
CA ARG A 29 11.10 33.74 5.29
C ARG A 29 12.32 32.95 4.81
N VAL A 30 12.10 32.09 3.81
CA VAL A 30 13.16 31.33 3.17
C VAL A 30 13.36 31.88 1.77
N SER A 31 14.61 32.18 1.44
CA SER A 31 14.92 32.83 0.18
C SER A 31 14.55 31.95 -1.01
N SER A 32 14.10 32.58 -2.09
CA SER A 32 13.73 31.85 -3.30
C SER A 32 14.93 31.23 -4.00
N PHE A 33 16.14 31.59 -3.60
CA PHE A 33 17.34 31.00 -4.16
C PHE A 33 17.74 29.71 -3.46
N ALA A 34 16.87 29.18 -2.61
CA ALA A 34 17.11 27.89 -1.99
C ALA A 34 17.20 26.81 -3.08
N SER A 35 17.94 25.75 -2.76
CA SER A 35 18.20 24.70 -3.74
C SER A 35 16.97 23.81 -3.88
N GLY A 36 16.52 23.62 -5.12
CA GLY A 36 15.46 22.69 -5.41
C GLY A 36 14.06 23.27 -5.45
N PHE A 37 13.86 24.48 -4.94
CA PHE A 37 12.53 25.10 -4.96
C PHE A 37 12.70 26.60 -4.83
N GLY A 38 11.58 27.32 -4.99
CA GLY A 38 11.62 28.76 -5.00
C GLY A 38 11.32 29.43 -3.67
N GLY A 39 11.88 28.90 -2.59
CA GLY A 39 11.70 29.52 -1.29
C GLY A 39 10.28 29.38 -0.78
N GLY A 40 10.04 30.07 0.34
CA GLY A 40 8.73 30.10 0.92
C GLY A 40 8.78 30.68 2.32
N THR A 41 7.74 30.37 3.09
CA THR A 41 7.58 30.87 4.46
C THR A 41 7.31 29.69 5.38
N ILE A 42 8.03 29.62 6.49
CA ILE A 42 7.90 28.55 7.47
C ILE A 42 7.10 29.06 8.65
N TYR A 43 5.96 28.41 8.91
CA TYR A 43 5.15 28.68 10.08
C TYR A 43 5.40 27.60 11.11
N TYR A 44 5.94 27.98 12.27
CA TYR A 44 6.26 27.00 13.29
C TYR A 44 5.72 27.43 14.65
N PRO A 45 5.35 26.48 15.51
CA PRO A 45 4.86 26.84 16.83
C PRO A 45 5.98 27.34 17.73
N ARG A 46 5.66 28.33 18.56
CA ARG A 46 6.66 28.89 19.46
C ARG A 46 6.97 27.94 20.62
N GLU A 47 5.93 27.34 21.20
CA GLU A 47 6.11 26.52 22.38
C GLU A 47 6.91 25.26 22.05
N THR A 48 7.76 24.84 22.99
CA THR A 48 8.67 23.72 22.77
C THR A 48 8.63 22.66 23.87
N ASP A 49 7.92 22.89 24.98
CA ASP A 49 7.98 21.98 26.12
C ASP A 49 7.15 20.73 25.95
N GLU A 50 6.41 20.59 24.85
CA GLU A 50 5.64 19.38 24.58
C GLU A 50 6.34 18.43 23.62
N GLY A 51 7.40 18.87 22.96
CA GLY A 51 8.14 18.04 22.03
C GLY A 51 8.20 18.65 20.64
N THR A 52 9.01 18.01 19.81
CA THR A 52 9.15 18.45 18.43
C THR A 52 7.92 18.06 17.61
N PHE A 53 7.67 18.83 16.56
CA PHE A 53 6.47 18.70 15.75
C PHE A 53 6.80 18.11 14.38
N GLY A 54 5.76 17.60 13.72
CA GLY A 54 5.88 17.24 12.33
C GLY A 54 5.68 18.44 11.43
N ALA A 55 6.00 18.26 10.15
CA ALA A 55 5.97 19.35 9.18
C ALA A 55 5.22 18.93 7.93
N VAL A 56 4.60 19.92 7.29
CA VAL A 56 3.92 19.73 6.01
C VAL A 56 4.33 20.87 5.08
N ALA A 57 4.71 20.53 3.86
CA ALA A 57 5.03 21.51 2.83
C ALA A 57 3.81 21.69 1.93
N VAL A 58 3.45 22.94 1.66
CA VAL A 58 2.23 23.26 0.92
C VAL A 58 2.63 23.91 -0.40
N ALA A 59 2.18 23.32 -1.52
CA ALA A 59 2.50 23.80 -2.85
C ALA A 59 1.32 24.52 -3.49
N PRO A 60 1.59 25.58 -4.25
CA PRO A 60 0.49 26.27 -4.94
C PRO A 60 0.18 25.66 -6.30
N GLY A 61 -0.84 26.20 -6.97
CA GLY A 61 -1.26 25.71 -8.25
C GLY A 61 -0.49 26.34 -9.40
N PHE A 62 -1.01 26.10 -10.60
CA PHE A 62 -0.40 26.63 -11.81
C PHE A 62 -0.45 28.15 -11.81
N THR A 63 0.70 28.79 -12.01
CA THR A 63 0.90 30.24 -12.04
C THR A 63 0.65 30.90 -10.70
N ALA A 64 0.37 30.16 -9.63
CA ALA A 64 0.09 30.73 -8.34
C ALA A 64 1.33 30.74 -7.45
N SER A 65 1.30 31.61 -6.44
CA SER A 65 2.38 31.76 -5.48
C SER A 65 1.92 31.27 -4.11
N GLN A 66 2.81 31.39 -3.12
CA GLN A 66 2.49 30.95 -1.77
C GLN A 66 1.39 31.79 -1.13
N GLY A 67 1.12 32.98 -1.67
CA GLY A 67 0.04 33.79 -1.12
C GLY A 67 -1.32 33.16 -1.28
N SER A 68 -1.49 32.30 -2.30
CA SER A 68 -2.77 31.62 -2.49
C SER A 68 -2.98 30.52 -1.46
N MET A 69 -1.92 30.12 -0.74
CA MET A 69 -1.99 29.10 0.28
C MET A 69 -1.60 29.64 1.66
N SER A 70 -1.56 30.97 1.80
CA SER A 70 -1.02 31.57 3.01
C SER A 70 -1.89 31.32 4.23
N TRP A 71 -3.21 31.20 4.05
CA TRP A 71 -4.09 31.06 5.19
C TRP A 71 -3.93 29.70 5.88
N TYR A 72 -3.34 28.71 5.20
CA TYR A 72 -3.05 27.45 5.85
C TYR A 72 -1.94 27.59 6.89
N GLY A 73 -1.06 28.57 6.72
CA GLY A 73 0.06 28.78 7.62
C GLY A 73 -0.32 28.90 9.07
N GLU A 74 -0.90 30.04 9.47
CA GLU A 74 -1.30 30.23 10.86
C GLU A 74 -2.40 29.28 11.27
N ARG A 75 -3.26 28.89 10.33
CA ARG A 75 -4.39 28.02 10.66
C ARG A 75 -3.93 26.65 11.12
N VAL A 76 -3.04 26.01 10.35
CA VAL A 76 -2.61 24.66 10.65
C VAL A 76 -1.50 24.65 11.69
N ALA A 77 -0.56 25.59 11.59
CA ALA A 77 0.58 25.60 12.50
C ALA A 77 0.16 25.89 13.93
N SER A 78 -0.91 26.65 14.13
CA SER A 78 -1.38 26.94 15.49
C SER A 78 -1.95 25.72 16.18
N HIS A 79 -2.22 24.63 15.45
CA HIS A 79 -2.70 23.39 16.04
C HIS A 79 -1.56 22.41 16.32
N GLY A 80 -0.30 22.83 16.12
CA GLY A 80 0.83 22.00 16.45
C GLY A 80 1.52 21.37 15.27
N PHE A 81 1.88 22.19 14.27
CA PHE A 81 2.55 21.69 13.09
C PHE A 81 3.50 22.76 12.56
N ILE A 82 4.46 22.32 11.76
CA ILE A 82 5.33 23.21 11.01
C ILE A 82 4.80 23.25 9.57
N VAL A 83 4.52 24.45 9.08
CA VAL A 83 3.89 24.63 7.77
C VAL A 83 4.85 25.41 6.88
N PHE A 84 5.11 24.89 5.69
CA PHE A 84 6.05 25.47 4.74
C PHE A 84 5.30 25.74 3.43
N THR A 85 4.73 26.93 3.33
CA THR A 85 4.11 27.38 2.08
C THR A 85 5.21 27.84 1.14
N ILE A 86 5.39 27.12 0.04
CA ILE A 86 6.53 27.32 -0.85
C ILE A 86 6.07 27.96 -2.14
N ASP A 87 7.01 28.60 -2.83
CA ASP A 87 6.87 29.01 -4.21
C ASP A 87 7.64 28.05 -5.10
N THR A 88 7.14 27.86 -6.31
CA THR A 88 7.84 26.99 -7.25
C THR A 88 8.96 27.75 -7.93
N ASN A 89 9.87 26.99 -8.56
CA ASN A 89 10.99 27.60 -9.28
C ASN A 89 10.50 28.57 -10.34
N THR A 90 9.51 28.14 -11.13
CA THR A 90 8.81 29.03 -12.05
C THR A 90 7.32 28.82 -11.86
N ARG A 91 6.55 29.85 -12.19
CA ARG A 91 5.10 29.78 -12.02
C ARG A 91 4.47 28.77 -12.98
N LEU A 92 5.18 28.35 -14.01
CA LEU A 92 4.64 27.47 -15.05
C LEU A 92 5.00 26.00 -14.81
N ASP A 93 5.44 25.65 -13.59
CA ASP A 93 5.91 24.29 -13.33
C ASP A 93 4.77 23.29 -13.38
N ALA A 94 5.07 22.10 -13.88
CA ALA A 94 4.09 21.04 -14.03
C ALA A 94 3.97 20.25 -12.74
N PRO A 95 2.94 19.41 -12.59
CA PRO A 95 2.80 18.61 -11.35
C PRO A 95 4.03 17.80 -11.00
N GLY A 96 4.67 17.16 -11.98
CA GLY A 96 5.85 16.37 -11.68
C GLY A 96 6.98 17.19 -11.08
N GLN A 97 7.18 18.41 -11.60
CA GLN A 97 8.18 19.31 -11.03
C GLN A 97 7.76 19.78 -9.64
N ARG A 98 6.47 20.03 -9.43
CA ARG A 98 6.02 20.50 -8.12
C ARG A 98 6.15 19.43 -7.06
N GLY A 99 6.11 18.16 -7.44
CA GLY A 99 6.36 17.10 -6.48
C GLY A 99 7.81 17.04 -6.04
N ARG A 100 8.73 17.27 -6.97
CA ARG A 100 10.15 17.32 -6.62
C ARG A 100 10.45 18.48 -5.69
N GLN A 101 9.84 19.65 -5.94
CA GLN A 101 10.13 20.82 -5.13
C GLN A 101 9.46 20.75 -3.77
N LEU A 102 8.36 20.00 -3.66
CA LEU A 102 7.81 19.71 -2.33
C LEU A 102 8.79 18.89 -1.50
N LEU A 103 9.46 17.92 -2.13
CA LEU A 103 10.47 17.15 -1.42
C LEU A 103 11.70 17.99 -1.13
N ALA A 104 12.10 18.84 -2.07
CA ALA A 104 13.23 19.73 -1.84
C ALA A 104 12.94 20.73 -0.71
N ALA A 105 11.67 21.10 -0.53
CA ALA A 105 11.31 21.96 0.59
C ALA A 105 11.41 21.21 1.91
N LEU A 106 10.99 19.94 1.92
CA LEU A 106 11.10 19.14 3.13
C LEU A 106 12.56 18.83 3.46
N ASP A 107 13.38 18.61 2.43
CA ASP A 107 14.80 18.39 2.64
C ASP A 107 15.49 19.62 3.19
N TYR A 108 15.05 20.82 2.77
CA TYR A 108 15.58 22.05 3.36
C TYR A 108 15.26 22.12 4.85
N LEU A 109 14.06 21.71 5.23
CA LEU A 109 13.68 21.72 6.64
C LEU A 109 14.55 20.76 7.45
N VAL A 110 14.89 19.61 6.87
CA VAL A 110 15.63 18.59 7.60
C VAL A 110 17.12 18.89 7.60
N GLU A 111 17.65 19.36 6.46
CA GLU A 111 19.10 19.41 6.26
C GLU A 111 19.69 20.80 6.43
N ARG A 112 18.97 21.88 6.09
CA ARG A 112 19.58 23.19 5.98
C ARG A 112 18.78 24.29 6.68
N SER A 113 17.83 23.93 7.55
CA SER A 113 16.97 24.95 8.13
C SER A 113 17.66 25.63 9.32
N ASP A 114 17.07 26.75 9.74
CA ASP A 114 17.55 27.50 10.88
C ASP A 114 17.45 26.66 12.16
N ARG A 115 18.25 27.04 13.17
CA ARG A 115 18.19 26.32 14.44
C ARG A 115 16.89 26.58 15.19
N LYS A 116 16.23 27.70 14.92
CA LYS A 116 14.89 27.89 15.48
C LYS A 116 13.91 26.88 14.91
N VAL A 117 14.06 26.55 13.62
CA VAL A 117 13.16 25.60 12.98
C VAL A 117 13.64 24.17 13.22
N ARG A 118 14.95 23.93 13.13
CA ARG A 118 15.47 22.58 13.22
C ARG A 118 15.23 21.98 14.60
N GLU A 119 15.35 22.80 15.64
CA GLU A 119 15.15 22.29 17.01
C GLU A 119 13.72 21.85 17.26
N ARG A 120 12.75 22.40 16.52
CA ARG A 120 11.35 22.08 16.71
C ARG A 120 10.83 21.03 15.74
N LEU A 121 11.69 20.48 14.89
CA LEU A 121 11.28 19.61 13.80
C LEU A 121 11.63 18.15 14.12
N ASP A 122 10.64 17.27 13.97
CA ASP A 122 10.86 15.83 13.97
C ASP A 122 11.06 15.41 12.51
N PRO A 123 12.30 15.16 12.07
CA PRO A 123 12.54 14.92 10.63
C PRO A 123 11.98 13.61 10.11
N ASN A 124 11.44 12.74 10.98
CA ASN A 124 10.90 11.47 10.54
C ASN A 124 9.42 11.53 10.22
N ARG A 125 8.74 12.64 10.55
CA ARG A 125 7.29 12.78 10.35
C ARG A 125 7.04 14.00 9.45
N LEU A 126 6.94 13.75 8.15
CA LEU A 126 6.77 14.80 7.15
C LEU A 126 5.55 14.50 6.28
N ALA A 127 4.95 15.57 5.74
CA ALA A 127 3.76 15.45 4.92
C ALA A 127 3.81 16.48 3.80
N VAL A 128 2.90 16.33 2.84
CA VAL A 128 2.80 17.24 1.70
C VAL A 128 1.34 17.59 1.47
N MET A 129 1.12 18.78 0.95
CA MET A 129 -0.21 19.26 0.60
C MET A 129 -0.07 20.21 -0.58
N GLY A 130 -1.05 20.20 -1.48
CA GLY A 130 -0.95 21.01 -2.67
C GLY A 130 -2.30 21.32 -3.27
N HIS A 131 -2.39 22.44 -3.97
CA HIS A 131 -3.60 22.88 -4.62
C HIS A 131 -3.49 22.66 -6.12
N ALA A 132 -4.47 21.95 -6.69
CA ALA A 132 -4.60 21.73 -8.12
C ALA A 132 -3.35 21.08 -8.70
N MET A 133 -2.57 21.80 -9.52
CA MET A 133 -1.31 21.23 -10.01
C MET A 133 -0.36 20.93 -8.87
N GLY A 134 -0.40 21.73 -7.80
CA GLY A 134 0.30 21.37 -6.59
C GLY A 134 -0.29 20.13 -5.93
N GLY A 135 -1.59 19.90 -6.13
CA GLY A 135 -2.21 18.68 -5.63
C GLY A 135 -1.77 17.47 -6.44
N GLY A 136 -1.56 17.66 -7.74
CA GLY A 136 -0.95 16.62 -8.54
C GLY A 136 0.50 16.37 -8.13
N GLY A 137 1.22 17.41 -7.77
CA GLY A 137 2.56 17.24 -7.23
C GLY A 137 2.56 16.59 -5.87
N SER A 138 1.49 16.76 -5.09
CA SER A 138 1.37 16.07 -3.82
C SER A 138 1.27 14.56 -4.03
N LEU A 139 0.48 14.13 -5.02
CA LEU A 139 0.46 12.72 -5.40
C LEU A 139 1.81 12.28 -5.94
N GLU A 140 2.48 13.15 -6.71
CA GLU A 140 3.79 12.82 -7.24
C GLU A 140 4.82 12.64 -6.13
N ALA A 141 4.74 13.49 -5.10
CA ALA A 141 5.73 13.45 -4.03
C ALA A 141 5.64 12.16 -3.22
N THR A 142 4.46 11.56 -3.12
CA THR A 142 4.32 10.32 -2.37
C THR A 142 4.86 9.12 -3.15
N VAL A 143 4.74 9.14 -4.47
CA VAL A 143 5.37 8.10 -5.29
C VAL A 143 6.89 8.27 -5.29
N MET A 144 7.36 9.51 -5.26
CA MET A 144 8.79 9.76 -5.21
C MET A 144 9.37 9.48 -3.84
N ARG A 145 8.56 9.62 -2.79
CA ARG A 145 9.01 9.40 -1.42
C ARG A 145 7.91 8.72 -0.63
N PRO A 146 7.88 7.37 -0.65
CA PRO A 146 6.82 6.65 0.09
C PRO A 146 6.96 6.72 1.60
N SER A 147 8.04 7.27 2.12
CA SER A 147 8.22 7.41 3.57
C SER A 147 7.46 8.59 4.14
N LEU A 148 6.77 9.37 3.31
CA LEU A 148 5.94 10.46 3.81
C LEU A 148 4.78 9.93 4.63
N LYS A 149 4.34 10.72 5.60
CA LYS A 149 3.31 10.29 6.53
C LYS A 149 1.90 10.63 6.06
N ALA A 150 1.73 11.72 5.33
CA ALA A 150 0.39 12.14 4.89
C ALA A 150 0.51 12.90 3.58
N SER A 151 -0.63 13.03 2.90
CA SER A 151 -0.71 13.73 1.63
C SER A 151 -2.13 14.25 1.44
N ILE A 152 -2.26 15.53 1.11
CA ILE A 152 -3.56 16.17 0.93
C ILE A 152 -3.60 16.92 -0.39
N PRO A 153 -4.04 16.30 -1.48
CA PRO A 153 -4.23 17.02 -2.75
C PRO A 153 -5.54 17.80 -2.73
N LEU A 154 -5.44 19.13 -2.88
CA LEU A 154 -6.59 20.01 -2.83
C LEU A 154 -7.03 20.35 -4.24
N THR A 155 -8.25 19.93 -4.60
CA THR A 155 -8.80 20.04 -5.94
C THR A 155 -7.74 19.69 -6.99
N PRO A 156 -7.17 18.49 -6.92
CA PRO A 156 -5.95 18.21 -7.67
C PRO A 156 -6.17 18.15 -9.16
N TRP A 157 -5.10 18.48 -9.90
CA TRP A 157 -5.07 18.39 -11.35
C TRP A 157 -3.85 17.58 -11.74
N HIS A 158 -4.05 16.58 -12.59
CA HIS A 158 -2.96 15.75 -13.07
C HIS A 158 -3.44 14.98 -14.29
N LEU A 159 -2.54 14.83 -15.28
CA LEU A 159 -2.83 14.04 -16.46
C LEU A 159 -2.83 12.54 -16.18
N ASP A 160 -2.00 12.09 -15.24
CA ASP A 160 -1.94 10.68 -14.90
C ASP A 160 -3.04 10.36 -13.89
N LYS A 161 -3.90 9.41 -14.23
CA LYS A 161 -5.08 9.09 -13.43
C LYS A 161 -4.91 7.86 -12.55
N THR A 162 -3.79 7.15 -12.66
CA THR A 162 -3.55 5.90 -11.93
C THR A 162 -2.54 6.13 -10.82
N TRP A 163 -2.93 5.80 -9.59
CA TRP A 163 -2.06 5.96 -8.43
C TRP A 163 -2.14 4.72 -7.54
N GLY A 164 -2.10 3.53 -8.14
CA GLY A 164 -2.25 2.32 -7.37
C GLY A 164 -1.02 1.91 -6.59
N GLN A 165 0.07 2.66 -6.72
CA GLN A 165 1.31 2.37 -6.01
C GLN A 165 1.56 3.34 -4.86
N VAL A 166 0.63 4.27 -4.60
CA VAL A 166 0.79 5.21 -3.49
C VAL A 166 0.68 4.46 -2.17
N GLN A 167 1.67 4.64 -1.30
CA GLN A 167 1.68 4.01 0.01
C GLN A 167 1.45 4.99 1.16
N VAL A 168 1.23 6.27 0.84
CA VAL A 168 1.07 7.31 1.85
C VAL A 168 -0.42 7.61 2.04
N PRO A 169 -0.89 7.75 3.28
CA PRO A 169 -2.30 8.13 3.49
C PRO A 169 -2.67 9.42 2.76
N THR A 170 -3.61 9.34 1.84
CA THR A 170 -3.94 10.44 0.94
C THR A 170 -5.38 10.90 1.19
N PHE A 171 -5.54 12.21 1.37
CA PHE A 171 -6.85 12.83 1.60
C PHE A 171 -7.12 13.80 0.45
N ILE A 172 -8.00 13.39 -0.47
CA ILE A 172 -8.31 14.20 -1.64
C ILE A 172 -9.56 15.02 -1.37
N ILE A 173 -9.48 16.32 -1.63
CA ILE A 173 -10.61 17.23 -1.49
C ILE A 173 -10.94 17.78 -2.88
N GLY A 174 -12.21 17.63 -3.26
CA GLY A 174 -12.67 18.06 -4.57
C GLY A 174 -13.77 19.09 -4.46
N ALA A 175 -13.86 19.95 -5.46
CA ALA A 175 -14.91 20.95 -5.55
C ALA A 175 -15.96 20.47 -6.55
N GLU A 176 -17.22 20.45 -6.10
CA GLU A 176 -18.29 19.89 -6.93
C GLU A 176 -18.35 20.56 -8.29
N LEU A 177 -18.38 21.90 -8.32
CA LEU A 177 -18.52 22.64 -9.56
C LEU A 177 -17.19 23.00 -10.19
N ASP A 178 -16.12 22.27 -9.85
CA ASP A 178 -14.81 22.53 -10.45
C ASP A 178 -14.86 22.17 -11.93
N THR A 179 -14.57 23.16 -12.78
CA THR A 179 -14.50 22.96 -14.22
C THR A 179 -13.08 22.98 -14.75
N ILE A 180 -12.12 23.46 -13.97
CA ILE A 180 -10.72 23.45 -14.37
C ILE A 180 -10.07 22.12 -14.04
N ALA A 181 -10.38 21.56 -12.87
CA ALA A 181 -9.97 20.21 -12.49
C ALA A 181 -11.24 19.45 -12.10
N PRO A 182 -12.04 19.03 -13.09
CA PRO A 182 -13.32 18.39 -12.77
C PRO A 182 -13.11 17.12 -11.96
N VAL A 183 -13.89 16.99 -10.88
CA VAL A 183 -13.76 15.84 -9.99
C VAL A 183 -14.10 14.55 -10.72
N SER A 184 -14.93 14.62 -11.77
CA SER A 184 -15.27 13.41 -12.52
C SER A 184 -14.07 12.87 -13.29
N THR A 185 -13.16 13.74 -13.70
CA THR A 185 -11.99 13.32 -14.48
C THR A 185 -10.68 13.43 -13.71
N HIS A 186 -10.68 14.08 -12.55
CA HIS A 186 -9.45 14.26 -11.78
C HIS A 186 -9.58 13.69 -10.38
N ALA A 187 -10.25 14.42 -9.47
CA ALA A 187 -10.23 14.08 -8.06
C ALA A 187 -10.76 12.67 -7.81
N LYS A 188 -11.92 12.33 -8.38
CA LYS A 188 -12.48 11.00 -8.15
C LYS A 188 -11.64 9.91 -8.80
N PRO A 189 -11.22 10.02 -10.06
CA PRO A 189 -10.33 8.99 -10.61
C PRO A 189 -9.06 8.78 -9.81
N PHE A 190 -8.48 9.85 -9.25
CA PHE A 190 -7.30 9.70 -8.42
C PHE A 190 -7.61 8.86 -7.19
N TYR A 191 -8.71 9.17 -6.50
CA TYR A 191 -9.05 8.46 -5.27
C TYR A 191 -9.36 6.99 -5.55
N GLU A 192 -10.17 6.72 -6.57
CA GLU A 192 -10.55 5.35 -6.87
C GLU A 192 -9.36 4.51 -7.35
N SER A 193 -8.35 5.15 -7.92
CA SER A 193 -7.17 4.42 -8.35
C SER A 193 -6.17 4.21 -7.21
N LEU A 194 -6.32 4.93 -6.10
CA LEU A 194 -5.52 4.66 -4.93
C LEU A 194 -5.80 3.24 -4.43
N PRO A 195 -4.83 2.60 -3.81
CA PRO A 195 -5.04 1.22 -3.34
C PRO A 195 -6.23 1.13 -2.40
N SER A 196 -7.02 0.07 -2.58
CA SER A 196 -8.20 -0.14 -1.76
C SER A 196 -7.86 -0.27 -0.28
N SER A 197 -6.63 -0.69 0.03
CA SER A 197 -6.19 -0.85 1.40
C SER A 197 -5.47 0.38 1.93
N LEU A 198 -5.28 1.41 1.11
CA LEU A 198 -4.62 2.62 1.57
C LEU A 198 -5.56 3.40 2.49
N PRO A 199 -5.06 3.92 3.61
CA PRO A 199 -5.87 4.84 4.42
C PRO A 199 -6.16 6.13 3.66
N LYS A 200 -7.34 6.21 3.05
CA LYS A 200 -7.63 7.29 2.12
C LYS A 200 -9.03 7.83 2.38
N ALA A 201 -9.28 9.05 1.88
CA ALA A 201 -10.58 9.69 2.00
C ALA A 201 -10.75 10.68 0.85
N TYR A 202 -12.01 10.88 0.46
CA TYR A 202 -12.36 11.85 -0.57
C TYR A 202 -13.53 12.69 -0.07
N MET A 203 -13.33 13.99 0.00
CA MET A 203 -14.35 14.92 0.46
C MET A 203 -14.66 15.90 -0.66
N GLU A 204 -15.91 15.91 -1.11
CA GLU A 204 -16.37 16.83 -2.15
C GLU A 204 -17.19 17.94 -1.50
N LEU A 205 -16.79 19.19 -1.76
CA LEU A 205 -17.44 20.34 -1.17
C LEU A 205 -18.59 20.81 -2.06
N CYS A 206 -19.76 21.02 -1.44
CA CYS A 206 -20.94 21.43 -2.17
C CYS A 206 -20.74 22.78 -2.83
N GLY A 207 -21.06 22.86 -4.12
CA GLY A 207 -21.08 24.11 -4.85
C GLY A 207 -19.78 24.88 -4.91
N ALA A 208 -18.67 24.23 -4.55
CA ALA A 208 -17.38 24.90 -4.53
C ALA A 208 -16.79 24.94 -5.94
N THR A 209 -15.86 25.88 -6.13
CA THR A 209 -15.18 26.07 -7.40
C THR A 209 -13.70 25.71 -7.24
N HIS A 210 -12.95 25.91 -8.34
CA HIS A 210 -11.57 25.43 -8.40
C HIS A 210 -10.67 26.13 -7.39
N PHE A 211 -10.94 27.40 -7.08
CA PHE A 211 -10.07 28.18 -6.21
C PHE A 211 -10.61 28.30 -4.80
N ALA A 212 -11.55 27.44 -4.41
CA ALA A 212 -12.02 27.43 -3.03
C ALA A 212 -10.93 27.12 -2.01
N PRO A 213 -9.95 26.25 -2.27
CA PRO A 213 -8.89 26.05 -1.27
C PRO A 213 -7.99 27.26 -1.07
N ASN A 214 -8.14 28.33 -1.85
CA ASN A 214 -7.27 29.48 -1.74
C ASN A 214 -7.76 30.54 -0.75
N ILE A 215 -8.96 30.36 -0.20
CA ILE A 215 -9.49 31.28 0.81
C ILE A 215 -9.88 30.46 2.04
N PRO A 216 -9.94 31.10 3.20
CA PRO A 216 -10.30 30.37 4.43
C PRO A 216 -11.60 29.59 4.28
N ASN A 217 -11.55 28.31 4.64
CA ASN A 217 -12.68 27.40 4.55
C ASN A 217 -12.67 26.52 5.79
N THR A 218 -13.72 26.64 6.61
CA THR A 218 -13.76 25.88 7.86
C THR A 218 -13.84 24.38 7.61
N THR A 219 -14.61 23.97 6.59
CA THR A 219 -14.71 22.55 6.27
C THR A 219 -13.37 21.98 5.84
N ILE A 220 -12.64 22.71 5.00
CA ILE A 220 -11.30 22.30 4.63
C ILE A 220 -10.39 22.29 5.86
N ALA A 221 -10.49 23.33 6.70
CA ALA A 221 -9.55 23.46 7.81
C ALA A 221 -9.75 22.36 8.85
N LYS A 222 -10.99 22.04 9.17
CA LYS A 222 -11.25 21.11 10.28
C LYS A 222 -10.77 19.70 9.96
N TYR A 223 -10.85 19.28 8.70
CA TYR A 223 -10.47 17.92 8.32
C TYR A 223 -9.07 17.83 7.74
N VAL A 224 -8.48 18.93 7.29
CA VAL A 224 -7.05 18.92 7.00
C VAL A 224 -6.25 18.80 8.29
N ILE A 225 -6.69 19.49 9.34
CA ILE A 225 -6.05 19.37 10.65
C ILE A 225 -6.21 17.95 11.19
N SER A 226 -7.42 17.38 11.09
CA SER A 226 -7.65 16.05 11.62
C SER A 226 -6.82 15.00 10.88
N TRP A 227 -6.67 15.16 9.57
CA TRP A 227 -5.90 14.19 8.79
C TRP A 227 -4.42 14.26 9.12
N LEU A 228 -3.88 15.48 9.30
CA LEU A 228 -2.50 15.61 9.71
C LEU A 228 -2.28 15.08 11.12
N LYS A 229 -3.20 15.35 12.03
CA LYS A 229 -3.06 14.86 13.40
C LYS A 229 -3.07 13.34 13.44
N ARG A 230 -3.94 12.71 12.65
CA ARG A 230 -4.11 11.27 12.74
C ARG A 230 -2.90 10.52 12.18
N PHE A 231 -2.30 11.04 11.10
CA PHE A 231 -1.25 10.30 10.40
C PHE A 231 0.15 10.86 10.57
N VAL A 232 0.29 12.16 10.82
CA VAL A 232 1.62 12.70 11.11
C VAL A 232 1.95 12.56 12.60
N ASP A 233 0.96 12.68 13.48
CA ASP A 233 1.16 12.57 14.91
C ASP A 233 0.71 11.22 15.48
N GLU A 234 0.16 10.33 14.64
CA GLU A 234 -0.43 9.07 15.11
C GLU A 234 -1.47 9.33 16.20
N ASP A 235 -2.08 10.51 16.16
CA ASP A 235 -2.97 10.98 17.23
C ASP A 235 -4.36 10.43 16.96
N THR A 236 -4.69 9.33 17.64
CA THR A 236 -6.01 8.72 17.48
C THR A 236 -7.12 9.50 18.18
N ARG A 237 -6.78 10.57 18.91
CA ARG A 237 -7.81 11.46 19.44
C ARG A 237 -8.60 12.14 18.34
N TYR A 238 -8.07 12.17 17.12
CA TYR A 238 -8.73 12.82 15.99
C TYR A 238 -9.42 11.83 15.07
N SER A 239 -9.39 10.53 15.38
CA SER A 239 -10.12 9.55 14.60
C SER A 239 -11.62 9.73 14.68
N GLN A 240 -12.11 10.38 15.75
CA GLN A 240 -13.54 10.62 15.88
C GLN A 240 -14.07 11.55 14.80
N PHE A 241 -13.23 12.44 14.28
CA PHE A 241 -13.64 13.38 13.25
C PHE A 241 -13.52 12.81 11.84
N LEU A 242 -12.79 11.71 11.66
CA LEU A 242 -12.59 11.13 10.35
C LEU A 242 -13.35 9.83 10.11
N CYS A 243 -13.68 9.09 11.18
CA CYS A 243 -14.40 7.82 11.04
C CYS A 243 -15.47 7.77 12.15
N PRO A 244 -16.74 7.54 11.79
CA PRO A 244 -17.25 7.34 10.43
C PRO A 244 -17.20 8.63 9.59
N ASN A 245 -17.59 8.52 8.32
CA ASN A 245 -17.44 9.62 7.38
C ASN A 245 -18.13 10.87 7.91
N PRO A 246 -17.53 12.04 7.78
CA PRO A 246 -18.18 13.28 8.23
C PRO A 246 -19.51 13.50 7.51
N THR A 247 -20.40 14.23 8.19
CA THR A 247 -21.74 14.48 7.70
C THR A 247 -22.02 15.97 7.55
N ASP A 248 -20.98 16.77 7.34
CA ASP A 248 -21.13 18.21 7.25
C ASP A 248 -22.04 18.59 6.09
N ARG A 249 -22.85 19.63 6.31
CA ARG A 249 -23.73 20.11 5.25
C ARG A 249 -22.94 20.62 4.05
N ALA A 250 -21.75 21.17 4.28
CA ALA A 250 -20.89 21.65 3.20
C ALA A 250 -20.32 20.51 2.37
N ILE A 251 -20.39 19.27 2.85
CA ILE A 251 -19.86 18.12 2.14
C ILE A 251 -20.97 17.52 1.29
N CYS A 252 -20.74 17.42 -0.01
CA CYS A 252 -21.71 16.83 -0.92
C CYS A 252 -21.46 15.35 -1.16
N GLU A 253 -20.27 14.85 -0.84
CA GLU A 253 -19.96 13.45 -0.97
C GLU A 253 -18.68 13.15 -0.19
N TYR A 254 -18.67 12.01 0.49
CA TYR A 254 -17.50 11.60 1.26
C TYR A 254 -17.30 10.10 1.13
N ARG A 255 -16.11 9.69 0.72
CA ARG A 255 -15.73 8.28 0.65
C ARG A 255 -14.47 8.06 1.47
N SER A 256 -14.34 6.88 2.06
CA SER A 256 -13.18 6.59 2.90
C SER A 256 -13.01 5.08 3.02
N THR A 257 -11.86 4.69 3.57
CA THR A 257 -11.56 3.30 3.90
C THR A 257 -11.51 3.10 5.41
N CYS A 258 -12.40 3.79 6.13
CA CYS A 258 -12.49 3.63 7.58
C CYS A 258 -12.84 2.19 7.92
N PRO A 259 -12.34 1.67 9.05
CA PRO A 259 -11.47 2.37 10.02
C PRO A 259 -10.00 2.37 9.61
N TYR A 260 -9.23 3.31 10.16
CA TYR A 260 -7.82 3.43 9.85
C TYR A 260 -6.97 2.68 10.87
N PRO B 2 10.21 -42.53 -11.70
CA PRO B 2 9.81 -41.33 -12.45
C PRO B 2 8.75 -40.54 -11.69
N ASN B 3 8.84 -39.22 -11.75
CA ASN B 3 7.90 -38.36 -11.03
C ASN B 3 6.52 -38.41 -11.66
N PRO B 4 5.48 -38.84 -10.92
CA PRO B 4 4.11 -38.84 -11.46
C PRO B 4 3.38 -37.52 -11.30
N TYR B 5 4.01 -36.52 -10.70
CA TYR B 5 3.41 -35.21 -10.50
C TYR B 5 3.82 -34.19 -11.55
N GLU B 6 4.66 -34.58 -12.51
CA GLU B 6 5.11 -33.65 -13.55
C GLU B 6 3.97 -33.36 -14.51
N ARG B 7 3.76 -32.06 -14.79
CA ARG B 7 2.73 -31.62 -15.71
C ARG B 7 3.33 -30.61 -16.69
N GLY B 8 2.79 -30.60 -17.90
CA GLY B 8 3.23 -29.68 -18.92
C GLY B 8 4.54 -30.09 -19.53
N PRO B 9 4.97 -29.36 -20.57
CA PRO B 9 6.24 -29.68 -21.22
C PRO B 9 7.43 -29.29 -20.36
N ASP B 10 8.61 -29.69 -20.82
CA ASP B 10 9.84 -29.33 -20.13
C ASP B 10 10.00 -27.82 -20.14
N PRO B 11 10.33 -27.21 -19.01
CA PRO B 11 10.22 -25.75 -18.89
C PRO B 11 11.36 -25.00 -19.54
N THR B 12 11.06 -23.75 -19.90
CA THR B 12 12.04 -22.78 -20.37
C THR B 12 11.76 -21.46 -19.67
N GLU B 13 12.65 -20.49 -19.85
CA GLU B 13 12.37 -19.16 -19.34
C GLU B 13 11.26 -18.49 -20.11
N ASP B 14 11.12 -18.82 -21.41
CA ASP B 14 10.00 -18.29 -22.19
C ASP B 14 8.66 -18.81 -21.68
N SER B 15 8.61 -20.09 -21.30
CA SER B 15 7.35 -20.71 -20.89
C SER B 15 6.92 -20.24 -19.49
N ILE B 16 7.88 -20.05 -18.58
CA ILE B 16 7.54 -19.58 -17.24
C ILE B 16 7.27 -18.08 -17.22
N GLU B 17 7.81 -17.33 -18.17
CA GLU B 17 7.51 -15.91 -18.27
C GLU B 17 6.23 -15.65 -19.08
N ALA B 18 5.63 -16.68 -19.65
CA ALA B 18 4.47 -16.50 -20.50
C ALA B 18 3.24 -16.13 -19.68
N ILE B 19 2.40 -15.26 -20.25
CA ILE B 19 1.16 -14.87 -19.58
C ILE B 19 0.24 -16.07 -19.44
N ARG B 20 0.27 -16.98 -20.40
CA ARG B 20 -0.52 -18.20 -20.38
C ARG B 20 0.38 -19.40 -20.43
N GLY B 21 0.16 -20.36 -19.52
CA GLY B 21 0.90 -21.60 -19.54
C GLY B 21 0.37 -22.54 -20.59
N PRO B 22 0.81 -23.80 -20.55
CA PRO B 22 0.35 -24.76 -21.57
C PRO B 22 -1.11 -25.14 -21.41
N PHE B 23 -1.65 -25.12 -20.21
CA PHE B 23 -3.00 -25.62 -19.96
C PHE B 23 -4.03 -24.53 -20.20
N SER B 24 -5.27 -24.97 -20.43
CA SER B 24 -6.43 -24.09 -20.46
C SER B 24 -7.14 -24.14 -19.11
N VAL B 25 -7.79 -23.04 -18.75
CA VAL B 25 -8.33 -22.86 -17.41
C VAL B 25 -9.85 -22.71 -17.49
N ALA B 26 -10.54 -23.40 -16.60
CA ALA B 26 -11.97 -23.20 -16.37
C ALA B 26 -12.15 -22.70 -14.95
N THR B 27 -13.10 -21.77 -14.77
CA THR B 27 -13.28 -21.10 -13.49
C THR B 27 -14.50 -21.67 -12.76
N GLU B 28 -14.71 -21.19 -11.53
CA GLU B 28 -15.81 -21.64 -10.69
C GLU B 28 -15.90 -20.71 -9.49
N ARG B 29 -17.12 -20.39 -9.07
CA ARG B 29 -17.36 -19.47 -7.97
C ARG B 29 -17.82 -20.25 -6.75
N VAL B 30 -17.20 -19.96 -5.60
CA VAL B 30 -17.61 -20.51 -4.31
C VAL B 30 -18.28 -19.40 -3.52
N SER B 31 -19.48 -19.68 -3.02
CA SER B 31 -20.27 -18.67 -2.33
C SER B 31 -19.55 -18.20 -1.07
N SER B 32 -19.82 -16.95 -0.70
CA SER B 32 -19.21 -16.36 0.49
C SER B 32 -19.70 -16.98 1.79
N PHE B 33 -20.73 -17.83 1.73
CA PHE B 33 -21.26 -18.49 2.91
C PHE B 33 -20.67 -19.86 3.14
N ALA B 34 -19.60 -20.20 2.41
CA ALA B 34 -18.86 -21.42 2.70
C ALA B 34 -18.31 -21.34 4.12
N SER B 35 -18.31 -22.47 4.81
CA SER B 35 -17.92 -22.50 6.21
C SER B 35 -16.43 -22.23 6.36
N GLY B 36 -16.09 -21.22 7.17
CA GLY B 36 -14.74 -20.93 7.56
C GLY B 36 -14.09 -19.77 6.84
N PHE B 37 -14.54 -19.45 5.63
CA PHE B 37 -13.93 -18.39 4.85
C PHE B 37 -15.00 -17.75 3.96
N GLY B 38 -14.61 -16.65 3.31
CA GLY B 38 -15.56 -15.85 2.55
C GLY B 38 -15.65 -16.20 1.08
N GLY B 39 -15.52 -17.48 0.75
CA GLY B 39 -15.64 -17.90 -0.63
C GLY B 39 -14.46 -17.44 -1.48
N GLY B 40 -14.68 -17.48 -2.79
CA GLY B 40 -13.64 -17.08 -3.72
C GLY B 40 -13.91 -17.65 -5.10
N THR B 41 -12.86 -17.68 -5.92
CA THR B 41 -12.94 -18.18 -7.29
C THR B 41 -11.91 -19.29 -7.47
N ILE B 42 -12.37 -20.44 -7.95
CA ILE B 42 -11.50 -21.59 -8.19
C ILE B 42 -11.02 -21.54 -9.64
N TYR B 43 -9.71 -21.58 -9.83
CA TYR B 43 -9.09 -21.63 -11.15
C TYR B 43 -8.44 -23.00 -11.31
N TYR B 44 -9.06 -23.87 -12.11
CA TYR B 44 -8.55 -25.22 -12.28
C TYR B 44 -8.30 -25.50 -13.76
N PRO B 45 -7.32 -26.35 -14.08
CA PRO B 45 -7.09 -26.71 -15.48
C PRO B 45 -8.16 -27.66 -15.98
N ARG B 46 -8.32 -27.68 -17.31
CA ARG B 46 -9.39 -28.48 -17.92
C ARG B 46 -8.94 -29.89 -18.26
N GLU B 47 -7.74 -30.06 -18.79
CA GLU B 47 -7.27 -31.36 -19.26
C GLU B 47 -6.89 -32.25 -18.09
N THR B 48 -7.45 -33.46 -18.06
CA THR B 48 -7.09 -34.46 -17.09
C THR B 48 -6.24 -35.58 -17.70
N ASP B 49 -5.67 -35.35 -18.88
CA ASP B 49 -4.87 -36.38 -19.53
C ASP B 49 -3.64 -36.74 -18.73
N GLU B 50 -3.09 -35.78 -17.99
CA GLU B 50 -1.83 -35.95 -17.30
C GLU B 50 -2.00 -36.24 -15.81
N GLY B 51 -3.22 -36.21 -15.29
CA GLY B 51 -3.50 -36.58 -13.93
C GLY B 51 -3.98 -35.41 -13.10
N THR B 52 -4.15 -35.67 -11.81
CA THR B 52 -4.58 -34.64 -10.88
C THR B 52 -3.46 -33.65 -10.62
N PHE B 53 -3.84 -32.47 -10.15
CA PHE B 53 -2.90 -31.38 -9.92
C PHE B 53 -2.87 -31.02 -8.44
N GLY B 54 -1.91 -30.18 -8.09
CA GLY B 54 -1.88 -29.58 -6.76
C GLY B 54 -2.68 -28.30 -6.69
N ALA B 55 -2.94 -27.87 -5.46
CA ALA B 55 -3.76 -26.68 -5.21
C ALA B 55 -2.97 -25.67 -4.38
N VAL B 56 -3.29 -24.39 -4.60
CA VAL B 56 -2.70 -23.31 -3.83
C VAL B 56 -3.80 -22.29 -3.52
N ALA B 57 -3.97 -21.98 -2.24
CA ALA B 57 -4.93 -20.98 -1.82
C ALA B 57 -4.24 -19.63 -1.74
N VAL B 58 -4.88 -18.61 -2.33
CA VAL B 58 -4.30 -17.28 -2.43
C VAL B 58 -5.15 -16.33 -1.60
N ALA B 59 -4.51 -15.61 -0.67
CA ALA B 59 -5.24 -14.73 0.23
C ALA B 59 -4.88 -13.27 -0.01
N PRO B 60 -5.85 -12.36 0.06
CA PRO B 60 -5.56 -10.93 -0.07
C PRO B 60 -5.09 -10.36 1.27
N GLY B 61 -4.80 -9.06 1.27
CA GLY B 61 -4.32 -8.37 2.44
C GLY B 61 -5.42 -7.64 3.20
N PHE B 62 -4.99 -6.81 4.15
CA PHE B 62 -5.92 -6.09 5.00
C PHE B 62 -6.77 -5.12 4.18
N THR B 63 -8.09 -5.16 4.42
CA THR B 63 -9.07 -4.35 3.67
C THR B 63 -8.94 -4.52 2.17
N ALA B 64 -8.43 -5.66 1.74
CA ALA B 64 -8.36 -6.02 0.34
C ALA B 64 -9.28 -7.21 0.08
N SER B 65 -9.52 -7.48 -1.20
CA SER B 65 -10.39 -8.57 -1.63
C SER B 65 -9.66 -9.40 -2.66
N GLN B 66 -10.33 -10.45 -3.14
CA GLN B 66 -9.72 -11.34 -4.12
C GLN B 66 -9.41 -10.63 -5.44
N GLY B 67 -10.03 -9.47 -5.69
CA GLY B 67 -9.74 -8.76 -6.93
C GLY B 67 -8.31 -8.29 -7.03
N SER B 68 -7.67 -8.01 -5.88
CA SER B 68 -6.27 -7.64 -5.87
C SER B 68 -5.35 -8.80 -6.20
N MET B 69 -5.85 -10.04 -6.16
CA MET B 69 -5.05 -11.22 -6.43
C MET B 69 -5.54 -12.02 -7.62
N SER B 70 -6.42 -11.44 -8.45
CA SER B 70 -7.11 -12.23 -9.46
C SER B 70 -6.20 -12.60 -10.63
N TRP B 71 -5.14 -11.83 -10.87
CA TRP B 71 -4.30 -12.11 -12.03
C TRP B 71 -3.45 -13.37 -11.84
N TYR B 72 -3.32 -13.86 -10.61
CA TYR B 72 -2.63 -15.13 -10.38
C TYR B 72 -3.44 -16.32 -10.87
N GLY B 73 -4.75 -16.15 -11.07
CA GLY B 73 -5.60 -17.24 -11.51
C GLY B 73 -5.20 -17.84 -12.84
N GLU B 74 -5.57 -17.18 -13.94
CA GLU B 74 -5.23 -17.69 -15.26
C GLU B 74 -3.72 -17.79 -15.49
N ARG B 75 -2.92 -17.04 -14.72
CA ARG B 75 -1.48 -17.09 -14.90
C ARG B 75 -0.91 -18.39 -14.36
N VAL B 76 -1.25 -18.75 -13.13
CA VAL B 76 -0.67 -19.93 -12.48
C VAL B 76 -1.45 -21.19 -12.83
N ALA B 77 -2.78 -21.11 -12.88
CA ALA B 77 -3.57 -22.30 -13.16
C ALA B 77 -3.30 -22.87 -14.54
N SER B 78 -2.89 -22.02 -15.49
CA SER B 78 -2.58 -22.48 -16.84
C SER B 78 -1.25 -23.24 -16.91
N HIS B 79 -0.48 -23.26 -15.83
CA HIS B 79 0.75 -24.03 -15.77
C HIS B 79 0.58 -25.36 -15.05
N GLY B 80 -0.66 -25.73 -14.72
CA GLY B 80 -0.93 -27.01 -14.10
C GLY B 80 -1.18 -26.95 -12.62
N PHE B 81 -2.06 -26.04 -12.18
CA PHE B 81 -2.34 -25.86 -10.76
C PHE B 81 -3.81 -25.51 -10.57
N ILE B 82 -4.34 -25.91 -9.42
CA ILE B 82 -5.64 -25.45 -8.96
C ILE B 82 -5.43 -24.22 -8.09
N VAL B 83 -6.01 -23.09 -8.49
CA VAL B 83 -5.80 -21.82 -7.81
C VAL B 83 -7.13 -21.35 -7.22
N PHE B 84 -7.11 -20.97 -5.95
CA PHE B 84 -8.29 -20.53 -5.21
C PHE B 84 -8.00 -19.16 -4.63
N THR B 85 -8.33 -18.11 -5.38
CA THR B 85 -8.25 -16.74 -4.87
C THR B 85 -9.46 -16.48 -4.01
N ILE B 86 -9.27 -16.40 -2.70
CA ILE B 86 -10.36 -16.40 -1.74
C ILE B 86 -10.61 -14.98 -1.24
N ASP B 87 -11.80 -14.79 -0.68
CA ASP B 87 -12.13 -13.61 0.10
C ASP B 87 -12.15 -13.96 1.58
N THR B 88 -11.80 -12.99 2.41
CA THR B 88 -11.84 -13.23 3.83
C THR B 88 -13.25 -13.00 4.37
N ASN B 89 -13.51 -13.51 5.58
CA ASN B 89 -14.80 -13.32 6.22
C ASN B 89 -15.12 -11.84 6.37
N THR B 90 -14.17 -11.07 6.88
CA THR B 90 -14.28 -9.61 6.89
C THR B 90 -12.98 -9.04 6.34
N ARG B 91 -13.07 -7.83 5.78
CA ARG B 91 -11.89 -7.18 5.23
C ARG B 91 -10.89 -6.80 6.32
N LEU B 92 -11.31 -6.79 7.58
CA LEU B 92 -10.47 -6.39 8.70
C LEU B 92 -9.76 -7.55 9.37
N ASP B 93 -9.72 -8.72 8.72
CA ASP B 93 -9.17 -9.91 9.36
C ASP B 93 -7.65 -9.80 9.52
N ALA B 94 -7.19 -10.20 10.70
CA ALA B 94 -5.77 -10.18 11.05
C ALA B 94 -5.05 -11.35 10.37
N PRO B 95 -3.71 -11.33 10.35
CA PRO B 95 -3.00 -12.44 9.70
C PRO B 95 -3.32 -13.81 10.28
N GLY B 96 -3.50 -13.90 11.60
CA GLY B 96 -3.88 -15.17 12.19
C GLY B 96 -5.21 -15.67 11.66
N GLN B 97 -6.20 -14.78 11.54
CA GLN B 97 -7.48 -15.20 10.99
C GLN B 97 -7.33 -15.57 9.51
N ARG B 98 -6.44 -14.87 8.80
CA ARG B 98 -6.25 -15.17 7.38
C ARG B 98 -5.56 -16.51 7.17
N GLY B 99 -4.74 -16.93 8.13
CA GLY B 99 -4.18 -18.27 8.06
C GLY B 99 -5.23 -19.35 8.26
N ARG B 100 -6.14 -19.14 9.23
CA ARG B 100 -7.22 -20.10 9.44
C ARG B 100 -8.10 -20.23 8.21
N GLN B 101 -8.37 -19.12 7.53
CA GLN B 101 -9.24 -19.14 6.36
C GLN B 101 -8.53 -19.66 5.12
N LEU B 102 -7.20 -19.59 5.09
CA LEU B 102 -6.46 -20.28 4.04
C LEU B 102 -6.61 -21.79 4.17
N LEU B 103 -6.63 -22.31 5.40
CA LEU B 103 -6.84 -23.73 5.60
C LEU B 103 -8.27 -24.13 5.28
N ALA B 104 -9.24 -23.26 5.61
CA ALA B 104 -10.63 -23.57 5.32
C ALA B 104 -10.90 -23.64 3.83
N ALA B 105 -10.22 -22.80 3.04
CA ALA B 105 -10.36 -22.86 1.59
C ALA B 105 -9.79 -24.16 1.03
N LEU B 106 -8.68 -24.62 1.60
CA LEU B 106 -8.11 -25.91 1.19
C LEU B 106 -9.00 -27.06 1.65
N ASP B 107 -9.52 -26.99 2.87
CA ASP B 107 -10.44 -28.02 3.34
C ASP B 107 -11.71 -28.07 2.50
N TYR B 108 -12.14 -26.92 1.98
CA TYR B 108 -13.29 -26.91 1.07
C TYR B 108 -12.99 -27.73 -0.18
N LEU B 109 -11.84 -27.51 -0.79
CA LEU B 109 -11.48 -28.22 -2.01
C LEU B 109 -11.41 -29.73 -1.76
N VAL B 110 -10.93 -30.14 -0.60
CA VAL B 110 -10.74 -31.56 -0.34
C VAL B 110 -12.03 -32.21 0.14
N GLU B 111 -12.90 -31.46 0.81
CA GLU B 111 -14.06 -32.04 1.47
C GLU B 111 -15.39 -31.71 0.81
N ARG B 112 -15.56 -30.49 0.29
CA ARG B 112 -16.89 -30.02 -0.11
C ARG B 112 -16.84 -29.27 -1.43
N SER B 113 -15.98 -29.70 -2.36
CA SER B 113 -15.83 -28.99 -3.62
C SER B 113 -16.73 -29.61 -4.69
N ASP B 114 -16.76 -28.98 -5.86
CA ASP B 114 -17.48 -29.49 -7.00
C ASP B 114 -16.82 -30.75 -7.55
N ARG B 115 -17.55 -31.46 -8.41
CA ARG B 115 -16.98 -32.65 -9.05
C ARG B 115 -15.86 -32.28 -10.00
N LYS B 116 -16.04 -31.20 -10.77
CA LYS B 116 -14.99 -30.78 -11.70
C LYS B 116 -13.72 -30.37 -10.98
N VAL B 117 -13.81 -30.04 -9.70
CA VAL B 117 -12.64 -29.70 -8.90
C VAL B 117 -12.12 -30.89 -8.12
N ARG B 118 -13.03 -31.69 -7.54
CA ARG B 118 -12.60 -32.82 -6.72
C ARG B 118 -11.86 -33.87 -7.56
N GLU B 119 -12.29 -34.06 -8.81
CA GLU B 119 -11.67 -35.06 -9.67
C GLU B 119 -10.23 -34.70 -10.01
N ARG B 120 -9.91 -33.41 -10.08
CA ARG B 120 -8.61 -32.94 -10.53
C ARG B 120 -7.68 -32.58 -9.37
N LEU B 121 -8.04 -32.93 -8.14
CA LEU B 121 -7.31 -32.49 -6.96
C LEU B 121 -6.55 -33.66 -6.35
N ASP B 122 -5.24 -33.49 -6.21
CA ASP B 122 -4.42 -34.38 -5.38
C ASP B 122 -4.46 -33.83 -3.96
N PRO B 123 -5.24 -34.42 -3.06
CA PRO B 123 -5.46 -33.80 -1.75
C PRO B 123 -4.24 -33.77 -0.85
N ASN B 124 -3.20 -34.53 -1.17
CA ASN B 124 -1.99 -34.57 -0.34
C ASN B 124 -0.96 -33.52 -0.74
N ARG B 125 -1.24 -32.71 -1.77
CA ARG B 125 -0.28 -31.74 -2.30
C ARG B 125 -0.97 -30.38 -2.38
N LEU B 126 -1.00 -29.67 -1.25
CA LEU B 126 -1.62 -28.36 -1.13
C LEU B 126 -0.58 -27.32 -0.73
N ALA B 127 -0.92 -26.05 -0.92
CA ALA B 127 0.00 -24.95 -0.63
C ALA B 127 -0.82 -23.71 -0.30
N VAL B 128 -0.12 -22.65 0.10
CA VAL B 128 -0.75 -21.38 0.46
C VAL B 128 0.06 -20.23 -0.15
N MET B 129 -0.63 -19.12 -0.40
CA MET B 129 0.00 -17.90 -0.88
C MET B 129 -0.85 -16.74 -0.41
N GLY B 130 -0.21 -15.61 -0.13
CA GLY B 130 -0.93 -14.47 0.40
C GLY B 130 -0.15 -13.19 0.23
N HIS B 131 -0.87 -12.08 0.15
CA HIS B 131 -0.29 -10.76 -0.02
C HIS B 131 -0.40 -9.99 1.29
N ALA B 132 0.73 -9.43 1.73
CA ALA B 132 0.78 -8.55 2.90
C ALA B 132 0.27 -9.24 4.16
N MET B 133 -0.88 -8.78 4.67
CA MET B 133 -1.49 -9.49 5.79
C MET B 133 -1.89 -10.90 5.41
N GLY B 134 -2.26 -11.11 4.14
CA GLY B 134 -2.42 -12.47 3.66
C GLY B 134 -1.11 -13.21 3.58
N GLY B 135 0.00 -12.49 3.39
CA GLY B 135 1.31 -13.10 3.46
C GLY B 135 1.68 -13.51 4.88
N GLY B 136 1.24 -12.73 5.87
CA GLY B 136 1.38 -13.18 7.25
C GLY B 136 0.48 -14.37 7.54
N GLY B 137 -0.70 -14.40 6.94
CA GLY B 137 -1.54 -15.58 7.05
C GLY B 137 -0.97 -16.79 6.34
N SER B 138 -0.16 -16.55 5.30
CA SER B 138 0.55 -17.64 4.65
C SER B 138 1.60 -18.25 5.59
N LEU B 139 2.29 -17.39 6.36
CA LEU B 139 3.21 -17.90 7.38
C LEU B 139 2.44 -18.62 8.49
N GLU B 140 1.31 -18.06 8.93
CA GLU B 140 0.52 -18.68 9.98
C GLU B 140 -0.01 -20.04 9.55
N ALA B 141 -0.37 -20.17 8.26
CA ALA B 141 -0.96 -21.41 7.79
C ALA B 141 0.01 -22.57 7.88
N THR B 142 1.29 -22.32 7.63
CA THR B 142 2.28 -23.41 7.69
C THR B 142 2.50 -23.89 9.11
N VAL B 143 2.30 -23.02 10.10
CA VAL B 143 2.37 -23.45 11.49
C VAL B 143 1.10 -24.20 11.88
N MET B 144 -0.06 -23.74 11.40
CA MET B 144 -1.32 -24.40 11.73
C MET B 144 -1.46 -25.73 11.00
N ARG B 145 -0.87 -25.85 9.81
CA ARG B 145 -0.90 -27.09 9.03
C ARG B 145 0.50 -27.36 8.51
N PRO B 146 1.35 -28.01 9.30
CA PRO B 146 2.73 -28.27 8.88
C PRO B 146 2.87 -29.22 7.71
N SER B 147 1.77 -29.80 7.22
CA SER B 147 1.82 -30.74 6.11
C SER B 147 1.66 -30.06 4.75
N LEU B 148 1.65 -28.72 4.71
CA LEU B 148 1.58 -28.02 3.44
C LEU B 148 2.85 -28.24 2.63
N LYS B 149 2.72 -28.13 1.31
CA LYS B 149 3.84 -28.38 0.41
C LYS B 149 4.67 -27.12 0.16
N ALA B 150 4.04 -25.95 0.07
CA ALA B 150 4.76 -24.72 -0.24
C ALA B 150 4.03 -23.54 0.40
N SER B 151 4.76 -22.43 0.51
CA SER B 151 4.23 -21.21 1.08
C SER B 151 4.93 -20.02 0.42
N ILE B 152 4.14 -19.04 -0.02
CA ILE B 152 4.69 -17.86 -0.68
C ILE B 152 4.09 -16.59 -0.09
N PRO B 153 4.69 -16.02 0.96
CA PRO B 153 4.22 -14.72 1.46
C PRO B 153 4.69 -13.60 0.54
N LEU B 154 3.73 -12.88 -0.02
CA LEU B 154 4.00 -11.77 -0.94
C LEU B 154 3.97 -10.46 -0.17
N THR B 155 5.12 -9.78 -0.11
CA THR B 155 5.32 -8.56 0.67
C THR B 155 4.65 -8.69 2.04
N PRO B 156 5.03 -9.68 2.84
CA PRO B 156 4.21 -10.04 4.01
C PRO B 156 4.26 -9.01 5.12
N TRP B 157 3.15 -8.90 5.83
CA TRP B 157 3.05 -8.08 7.03
C TRP B 157 2.67 -8.97 8.19
N HIS B 158 3.45 -8.91 9.27
CA HIS B 158 3.15 -9.67 10.47
C HIS B 158 3.93 -9.08 11.64
N LEU B 159 3.30 -9.09 12.82
CA LEU B 159 3.96 -8.61 14.02
C LEU B 159 4.93 -9.63 14.58
N ASP B 160 4.58 -10.91 14.50
CA ASP B 160 5.47 -11.98 14.94
C ASP B 160 6.59 -12.15 13.92
N LYS B 161 7.83 -11.96 14.35
CA LYS B 161 8.98 -12.00 13.46
C LYS B 161 9.78 -13.30 13.56
N THR B 162 9.35 -14.25 14.38
CA THR B 162 10.06 -15.49 14.60
C THR B 162 9.25 -16.66 14.06
N TRP B 163 9.87 -17.44 13.17
CA TRP B 163 9.21 -18.57 12.52
C TRP B 163 10.14 -19.78 12.46
N GLY B 164 10.82 -20.06 13.57
CA GLY B 164 11.79 -21.15 13.61
C GLY B 164 11.21 -22.54 13.63
N GLN B 165 9.88 -22.67 13.68
CA GLN B 165 9.23 -23.98 13.69
C GLN B 165 8.64 -24.36 12.34
N VAL B 166 8.70 -23.46 11.34
CA VAL B 166 8.14 -23.74 10.03
C VAL B 166 8.99 -24.81 9.34
N GLN B 167 8.32 -25.84 8.81
CA GLN B 167 8.99 -26.90 8.07
C GLN B 167 8.52 -26.96 6.62
N VAL B 168 7.67 -26.04 6.19
CA VAL B 168 7.17 -25.99 4.82
C VAL B 168 8.08 -25.08 4.00
N PRO B 169 8.48 -25.46 2.79
CA PRO B 169 9.29 -24.57 1.95
C PRO B 169 8.59 -23.24 1.72
N THR B 170 9.30 -22.16 2.01
CA THR B 170 8.75 -20.81 2.03
C THR B 170 9.52 -19.91 1.10
N PHE B 171 8.81 -19.18 0.24
CA PHE B 171 9.38 -18.22 -0.70
C PHE B 171 8.81 -16.85 -0.37
N ILE B 172 9.63 -15.96 0.17
CA ILE B 172 9.21 -14.64 0.57
C ILE B 172 9.65 -13.64 -0.49
N ILE B 173 8.69 -12.91 -1.07
CA ILE B 173 8.97 -11.89 -2.06
C ILE B 173 8.78 -10.53 -1.39
N GLY B 174 9.84 -9.73 -1.38
CA GLY B 174 9.77 -8.40 -0.79
C GLY B 174 9.88 -7.30 -1.81
N ALA B 175 9.43 -6.10 -1.45
CA ALA B 175 9.49 -4.94 -2.33
C ALA B 175 10.50 -3.95 -1.76
N GLU B 176 11.40 -3.46 -2.62
CA GLU B 176 12.49 -2.60 -2.17
C GLU B 176 11.95 -1.35 -1.47
N LEU B 177 10.96 -0.70 -2.08
CA LEU B 177 10.43 0.57 -1.58
C LEU B 177 9.13 0.40 -0.80
N ASP B 178 8.96 -0.75 -0.14
CA ASP B 178 7.78 -0.99 0.68
C ASP B 178 7.93 -0.24 2.00
N THR B 179 6.95 0.61 2.30
CA THR B 179 6.91 1.33 3.56
C THR B 179 5.75 0.91 4.46
N ILE B 180 4.82 0.11 3.96
CA ILE B 180 3.73 -0.39 4.78
C ILE B 180 4.16 -1.65 5.53
N ALA B 181 4.77 -2.60 4.81
CA ALA B 181 5.42 -3.76 5.40
C ALA B 181 6.88 -3.71 4.98
N PRO B 182 7.68 -2.85 5.62
CA PRO B 182 9.07 -2.68 5.18
C PRO B 182 9.86 -3.98 5.31
N VAL B 183 10.65 -4.28 4.27
CA VAL B 183 11.41 -5.52 4.26
C VAL B 183 12.43 -5.56 5.39
N SER B 184 12.86 -4.40 5.89
CA SER B 184 13.83 -4.38 6.97
C SER B 184 13.23 -4.90 8.28
N THR B 185 11.93 -4.68 8.49
CA THR B 185 11.25 -5.12 9.70
C THR B 185 10.26 -6.26 9.48
N HIS B 186 10.01 -6.63 8.23
CA HIS B 186 9.04 -7.69 7.96
C HIS B 186 9.65 -8.82 7.15
N ALA B 187 9.78 -8.61 5.83
CA ALA B 187 10.12 -9.70 4.92
C ALA B 187 11.46 -10.34 5.29
N LYS B 188 12.47 -9.52 5.54
CA LYS B 188 13.81 -10.05 5.84
C LYS B 188 13.87 -10.68 7.23
N PRO B 189 13.29 -10.07 8.27
CA PRO B 189 13.25 -10.78 9.56
C PRO B 189 12.53 -12.12 9.49
N PHE B 190 11.47 -12.24 8.68
CA PHE B 190 10.79 -13.51 8.54
C PHE B 190 11.72 -14.56 7.91
N TYR B 191 12.46 -14.17 6.87
CA TYR B 191 13.30 -15.12 6.16
C TYR B 191 14.44 -15.62 7.04
N GLU B 192 15.10 -14.71 7.76
CA GLU B 192 16.23 -15.10 8.59
C GLU B 192 15.80 -15.95 9.78
N SER B 193 14.56 -15.78 10.26
CA SER B 193 14.07 -16.58 11.37
C SER B 193 13.64 -17.98 10.95
N LEU B 194 13.36 -18.19 9.67
CA LEU B 194 13.07 -19.53 9.18
C LEU B 194 14.30 -20.43 9.40
N PRO B 195 14.09 -21.71 9.65
CA PRO B 195 15.22 -22.61 9.90
C PRO B 195 16.19 -22.62 8.73
N SER B 196 17.49 -22.57 9.07
CA SER B 196 18.54 -22.52 8.06
C SER B 196 18.57 -23.76 7.19
N SER B 197 18.01 -24.87 7.66
CA SER B 197 17.94 -26.10 6.86
C SER B 197 16.70 -26.16 6.01
N LEU B 198 15.74 -25.28 6.22
CA LEU B 198 14.51 -25.29 5.44
C LEU B 198 14.79 -24.81 4.02
N PRO B 199 14.26 -25.49 3.00
CA PRO B 199 14.34 -24.95 1.64
C PRO B 199 13.58 -23.65 1.54
N LYS B 200 14.28 -22.52 1.49
CA LYS B 200 13.65 -21.21 1.53
C LYS B 200 14.34 -20.28 0.55
N ALA B 201 13.72 -19.13 0.33
CA ALA B 201 14.25 -18.13 -0.59
C ALA B 201 13.61 -16.78 -0.28
N TYR B 202 14.36 -15.72 -0.54
CA TYR B 202 13.88 -14.35 -0.40
C TYR B 202 14.27 -13.56 -1.64
N MET B 203 13.27 -13.00 -2.31
CA MET B 203 13.49 -12.19 -3.51
C MET B 203 13.01 -10.77 -3.25
N GLU B 204 13.87 -9.79 -3.48
CA GLU B 204 13.53 -8.39 -3.33
C GLU B 204 13.46 -7.74 -4.71
N LEU B 205 12.34 -7.07 -4.98
CA LEU B 205 12.09 -6.49 -6.29
C LEU B 205 12.58 -5.05 -6.32
N CYS B 206 13.34 -4.72 -7.37
CA CYS B 206 13.89 -3.37 -7.50
C CYS B 206 12.78 -2.34 -7.67
N GLY B 207 12.81 -1.31 -6.83
CA GLY B 207 11.90 -0.19 -6.97
C GLY B 207 10.44 -0.54 -6.90
N ALA B 208 10.10 -1.66 -6.28
CA ALA B 208 8.70 -2.06 -6.16
C ALA B 208 8.11 -1.54 -4.86
N THR B 209 6.78 -1.44 -4.85
CA THR B 209 6.04 -0.93 -3.71
C THR B 209 5.28 -2.08 -3.04
N HIS B 210 4.59 -1.75 -1.95
CA HIS B 210 3.81 -2.73 -1.21
C HIS B 210 2.72 -3.37 -2.06
N PHE B 211 2.33 -2.72 -3.16
CA PHE B 211 1.22 -3.19 -3.98
C PHE B 211 1.68 -3.78 -5.31
N ALA B 212 2.99 -3.99 -5.49
CA ALA B 212 3.47 -4.65 -6.69
C ALA B 212 2.89 -6.04 -6.91
N PRO B 213 2.65 -6.88 -5.88
CA PRO B 213 2.04 -8.19 -6.14
C PRO B 213 0.62 -8.13 -6.69
N ASN B 214 -0.04 -6.97 -6.65
CA ASN B 214 -1.44 -6.89 -7.04
C ASN B 214 -1.65 -6.68 -8.54
N ILE B 215 -0.60 -6.39 -9.28
CA ILE B 215 -0.70 -6.22 -10.73
C ILE B 215 0.20 -7.27 -11.38
N PRO B 216 -0.09 -7.64 -12.62
CA PRO B 216 0.73 -8.64 -13.31
C PRO B 216 2.22 -8.26 -13.30
N ASN B 217 3.03 -9.21 -12.86
CA ASN B 217 4.47 -9.00 -12.73
C ASN B 217 5.15 -10.29 -13.16
N THR B 218 5.89 -10.23 -14.26
CA THR B 218 6.52 -11.43 -14.80
C THR B 218 7.57 -11.98 -13.83
N THR B 219 8.37 -11.09 -13.23
CA THR B 219 9.39 -11.53 -12.29
C THR B 219 8.76 -12.23 -11.09
N ILE B 220 7.61 -11.74 -10.63
CA ILE B 220 6.86 -12.45 -9.59
C ILE B 220 6.29 -13.74 -10.15
N ALA B 221 5.69 -13.70 -11.33
CA ALA B 221 4.96 -14.85 -11.85
C ALA B 221 5.90 -16.00 -12.21
N LYS B 222 7.10 -15.68 -12.69
CA LYS B 222 7.98 -16.74 -13.19
C LYS B 222 8.54 -17.60 -12.06
N TYR B 223 8.84 -16.98 -10.90
CA TYR B 223 9.42 -17.72 -9.79
C TYR B 223 8.40 -18.18 -8.76
N VAL B 224 7.19 -17.62 -8.79
CA VAL B 224 6.09 -18.22 -8.04
C VAL B 224 5.71 -19.56 -8.67
N ILE B 225 5.73 -19.63 -10.01
CA ILE B 225 5.41 -20.88 -10.70
C ILE B 225 6.49 -21.92 -10.44
N SER B 226 7.76 -21.52 -10.56
CA SER B 226 8.87 -22.47 -10.35
C SER B 226 8.86 -23.00 -8.92
N TRP B 227 8.59 -22.15 -7.93
CA TRP B 227 8.56 -22.60 -6.56
C TRP B 227 7.42 -23.59 -6.31
N LEU B 228 6.25 -23.32 -6.88
CA LEU B 228 5.15 -24.27 -6.77
C LEU B 228 5.45 -25.56 -7.53
N LYS B 229 6.06 -25.44 -8.71
CA LYS B 229 6.47 -26.63 -9.45
C LYS B 229 7.47 -27.47 -8.66
N ARG B 230 8.46 -26.81 -8.06
CA ARG B 230 9.55 -27.53 -7.40
C ARG B 230 9.07 -28.27 -6.16
N PHE B 231 8.14 -27.68 -5.41
CA PHE B 231 7.78 -28.23 -4.10
C PHE B 231 6.38 -28.81 -4.02
N VAL B 232 5.42 -28.29 -4.79
CA VAL B 232 4.10 -28.92 -4.79
C VAL B 232 4.09 -30.15 -5.70
N ASP B 233 4.84 -30.12 -6.80
CA ASP B 233 4.92 -31.23 -7.72
C ASP B 233 6.18 -32.08 -7.55
N GLU B 234 7.06 -31.71 -6.62
CA GLU B 234 8.39 -32.34 -6.49
C GLU B 234 9.15 -32.31 -7.80
N ASP B 235 8.84 -31.33 -8.67
CA ASP B 235 9.31 -31.31 -10.04
C ASP B 235 10.69 -30.66 -10.08
N THR B 236 11.73 -31.48 -10.20
CA THR B 236 13.09 -30.97 -10.27
C THR B 236 13.44 -30.37 -11.62
N ARG B 237 12.52 -30.44 -12.59
CA ARG B 237 12.75 -29.76 -13.87
C ARG B 237 12.83 -28.26 -13.69
N TYR B 238 12.19 -27.73 -12.65
CA TYR B 238 12.20 -26.31 -12.35
C TYR B 238 13.26 -25.93 -11.33
N SER B 239 14.20 -26.82 -11.05
CA SER B 239 15.31 -26.48 -10.16
C SER B 239 16.32 -25.57 -10.83
N GLN B 240 16.43 -25.64 -12.16
CA GLN B 240 17.36 -24.79 -12.88
C GLN B 240 17.01 -23.31 -12.77
N PHE B 241 15.76 -22.98 -12.47
CA PHE B 241 15.34 -21.60 -12.33
C PHE B 241 15.48 -21.06 -10.92
N LEU B 242 15.54 -21.95 -9.91
CA LEU B 242 15.63 -21.55 -8.52
C LEU B 242 17.06 -21.57 -7.99
N CYS B 243 17.83 -22.61 -8.31
CA CYS B 243 19.19 -22.75 -7.83
C CYS B 243 20.16 -22.85 -9.00
N PRO B 244 21.21 -22.01 -9.05
CA PRO B 244 21.52 -20.99 -8.04
C PRO B 244 20.58 -19.79 -8.10
N ASN B 245 20.83 -18.79 -7.25
CA ASN B 245 19.92 -17.66 -7.12
C ASN B 245 19.71 -16.97 -8.47
N PRO B 246 18.47 -16.64 -8.83
CA PRO B 246 18.22 -15.90 -10.07
C PRO B 246 18.92 -14.55 -10.05
N THR B 247 19.32 -14.10 -11.24
CA THR B 247 20.00 -12.83 -11.41
C THR B 247 19.21 -11.88 -12.29
N ASP B 248 17.88 -11.98 -12.25
CA ASP B 248 17.03 -11.12 -13.06
C ASP B 248 17.26 -9.65 -12.69
N ARG B 249 17.30 -8.80 -13.72
CA ARG B 249 17.62 -7.39 -13.51
C ARG B 249 16.56 -6.72 -12.64
N ALA B 250 15.33 -7.24 -12.63
CA ALA B 250 14.29 -6.72 -11.76
C ALA B 250 14.51 -7.07 -10.30
N ILE B 251 15.42 -7.99 -10.00
CA ILE B 251 15.71 -8.40 -8.62
C ILE B 251 16.84 -7.56 -8.08
N CYS B 252 16.66 -7.03 -6.87
CA CYS B 252 17.69 -6.22 -6.22
C CYS B 252 18.38 -6.94 -5.07
N GLU B 253 17.87 -8.08 -4.63
CA GLU B 253 18.51 -8.90 -3.61
C GLU B 253 17.84 -10.26 -3.59
N TYR B 254 18.65 -11.32 -3.46
CA TYR B 254 18.14 -12.68 -3.42
C TYR B 254 18.93 -13.49 -2.42
N ARG B 255 18.23 -14.14 -1.49
CA ARG B 255 18.82 -15.05 -0.53
C ARG B 255 18.12 -16.40 -0.65
N SER B 256 18.87 -17.48 -0.45
CA SER B 256 18.30 -18.81 -0.55
C SER B 256 19.18 -19.80 0.20
N THR B 257 18.62 -20.98 0.45
CA THR B 257 19.36 -22.12 0.98
C THR B 257 19.69 -23.13 -0.12
N CYS B 258 20.01 -22.64 -1.31
CA CYS B 258 20.36 -23.51 -2.42
C CYS B 258 21.64 -24.27 -2.12
N PRO B 259 21.78 -25.52 -2.61
CA PRO B 259 20.75 -26.22 -3.40
C PRO B 259 19.69 -26.89 -2.53
N TYR B 260 18.50 -27.06 -3.09
CA TYR B 260 17.39 -27.68 -2.36
C TYR B 260 17.44 -29.20 -2.49
N NH4 C . -22.12 13.63 2.42
C1 BTB D . -20.16 14.64 -8.58
O1 BTB D . -19.74 14.28 -7.29
C2 BTB D . -21.62 14.25 -8.71
C3 BTB D . -21.69 12.78 -9.15
O3 BTB D . -20.58 12.46 -9.93
C4 BTB D . -22.28 15.14 -9.76
O4 BTB D . -23.39 14.51 -10.33
N BTB D . -22.26 14.41 -7.40
C5 BTB D . -22.41 15.80 -7.07
C6 BTB D . -22.12 16.00 -5.58
O6 BTB D . -22.47 17.31 -5.26
C7 BTB D . -23.58 13.80 -7.33
C8 BTB D . -23.62 12.78 -6.19
O8 BTB D . -24.08 13.42 -5.03
C2 C9C E . -4.71 26.28 -10.01
C3 C9C E . -4.25 24.89 -11.81
C4 C9C E . -4.47 24.59 -13.15
C5 C9C E . -4.11 23.35 -13.65
C6 C9C E . -4.33 23.03 -14.99
C7 C9C E . -4.91 23.98 -15.83
C8 C9C E . -5.26 25.23 -15.33
C1 C9C E . -4.04 27.62 -10.29
O1 C9C E . -4.20 28.50 -9.17
O2 C9C E . -5.19 25.69 -11.23
O3 C9C E . -3.28 24.43 -11.21
C9 C9C E . -5.05 25.53 -13.99
C10 C9C E . -5.12 23.68 -17.17
O4 C9C E . -5.61 24.55 -17.93
O5 C9C E . -4.82 22.55 -17.61
C1 GOL F . 14.39 2.00 2.45
O1 GOL F . 14.83 1.36 1.30
C2 GOL F . 12.87 2.00 2.40
O2 GOL F . 12.29 1.85 3.65
C3 GOL F . 12.55 3.32 1.72
O3 GOL F . 11.19 3.32 1.40
C2 C9C G . -2.21 -4.60 1.97
C3 C9C G . -2.11 -4.64 4.30
C4 C9C G . -1.95 -3.91 5.47
C5 C9C G . -1.11 -4.39 6.47
C6 C9C G . -0.95 -3.65 7.64
C7 C9C G . -1.65 -2.45 7.81
C8 C9C G . -2.48 -1.98 6.80
C1 C9C G . -3.56 -5.11 1.48
O1 C9C G . -3.69 -4.91 0.08
O2 C9C G . -2.37 -3.87 3.20
O3 C9C G . -2.09 -5.86 4.33
C9 C9C G . -2.63 -2.71 5.64
C10 C9C G . -1.49 -1.71 8.97
O4 C9C G . -2.06 -0.60 9.10
O5 C9C G . -0.78 -2.15 9.91
#